data_6UAU
#
_entry.id   6UAU
#
_cell.length_a   38.991
_cell.length_b   79.054
_cell.length_c   46.960
_cell.angle_alpha   90.000
_cell.angle_beta   101.770
_cell.angle_gamma   90.000
#
_symmetry.space_group_name_H-M   'P 1 21 1'
#
loop_
_entity.id
_entity.type
_entity.pdbx_description
1 polymer 'Glyco_hydro_cc domain-containing protein'
2 branched beta-D-glucopyranose-(1-3)-beta-D-glucopyranose
3 branched beta-D-glucopyranose-(1-3)-beta-D-glucopyranose-(1-3)-beta-D-glucopyranose
4 non-polymer 'ZINC ION'
5 non-polymer DI(HYDROXYETHYL)ETHER
6 water water
#
_entity_poly.entity_id   1
_entity_poly.type   'polypeptide(L)'
_entity_poly.pdbx_seq_one_letter_code
;MGSSHHHHHHSSGLVPAGSHMAGTKKGVSAAAFSGVTAALGDVGARWFYTWAADPQGITAPAGTEFVPMIWGRDSVTADQ
LQRAKAAGSTLLAFNAPDLAGQANMSVETALDLWPQLQATGMRLGAPAVAYGGDTPGGWLDRFMSGAAARGYRVDFIPLH
WYGGDFSAAATGQLQSYLQAVYNRYHRPIWLTEYALTDFSGSTPRYPSAAEQADFVSRSTAMLNGLSFVERYAWFSLSTS
TTPTGLYTGTTPNSSGVAYRAAG
;
_entity_poly.pdbx_strand_id   A
#
loop_
_chem_comp.id
_chem_comp.type
_chem_comp.name
_chem_comp.formula
BGC D-saccharide, beta linking beta-D-glucopyranose 'C6 H12 O6'
PEG non-polymer DI(HYDROXYETHYL)ETHER 'C4 H10 O3'
ZN non-polymer 'ZINC ION' 'Zn 2'
#
# COMPACT_ATOMS: atom_id res chain seq x y z
N GLY A 23 2.82 -14.18 10.53
CA GLY A 23 3.89 -13.16 10.52
C GLY A 23 3.36 -11.78 10.84
N THR A 24 4.19 -10.75 10.66
CA THR A 24 3.79 -9.34 10.86
C THR A 24 3.54 -8.68 9.49
N LYS A 25 3.13 -9.46 8.47
CA LYS A 25 2.97 -8.95 7.08
C LYS A 25 1.62 -8.23 6.91
N LYS A 26 0.55 -8.81 7.46
CA LYS A 26 -0.87 -8.44 7.19
C LYS A 26 -1.23 -7.07 7.80
N GLY A 27 -1.63 -6.11 6.96
CA GLY A 27 -2.13 -4.77 7.38
C GLY A 27 -3.29 -4.29 6.53
N VAL A 28 -3.74 -3.05 6.73
CA VAL A 28 -4.90 -2.46 6.00
C VAL A 28 -4.71 -0.95 5.88
N SER A 29 -5.29 -0.35 4.85
CA SER A 29 -5.59 1.10 4.77
C SER A 29 -6.91 1.34 5.52
N ALA A 30 -7.09 2.50 6.14
CA ALA A 30 -8.23 2.77 7.05
C ALA A 30 -8.52 4.27 7.16
N ALA A 31 -9.76 4.58 7.53
CA ALA A 31 -10.28 5.95 7.82
C ALA A 31 -11.14 5.88 9.08
N ALA A 32 -11.26 6.99 9.80
CA ALA A 32 -12.00 7.09 11.08
C ALA A 32 -13.50 6.87 10.84
N PHE A 33 -14.10 5.98 11.63
CA PHE A 33 -15.54 5.64 11.59
C PHE A 33 -15.87 4.97 12.92
N SER A 34 -17.14 5.04 13.33
CA SER A 34 -17.67 4.38 14.56
C SER A 34 -17.39 2.88 14.47
N GLY A 35 -16.33 2.39 15.13
CA GLY A 35 -15.96 0.96 15.18
C GLY A 35 -14.63 0.63 14.52
N VAL A 36 -13.86 1.62 14.05
CA VAL A 36 -12.56 1.41 13.35
C VAL A 36 -11.57 0.67 14.28
N THR A 37 -11.47 1.07 15.56
CA THR A 37 -10.58 0.43 16.55
C THR A 37 -10.94 -1.06 16.67
N ALA A 38 -12.23 -1.36 16.88
CA ALA A 38 -12.77 -2.73 17.00
C ALA A 38 -12.44 -3.55 15.74
N ALA A 39 -12.73 -2.99 14.56
CA ALA A 39 -12.53 -3.65 13.26
C ALA A 39 -11.05 -4.02 13.08
N LEU A 40 -10.13 -3.10 13.37
CA LEU A 40 -8.66 -3.33 13.24
C LEU A 40 -8.26 -4.51 14.13
N GLY A 41 -8.76 -4.54 15.38
CA GLY A 41 -8.51 -5.61 16.35
C GLY A 41 -9.06 -6.95 15.87
N ASP A 42 -10.32 -6.96 15.41
CA ASP A 42 -11.04 -8.16 14.93
C ASP A 42 -10.24 -8.84 13.80
N VAL A 43 -9.80 -8.07 12.81
CA VAL A 43 -9.20 -8.61 11.54
C VAL A 43 -7.74 -9.02 11.80
N GLY A 44 -7.16 -8.57 12.92
CA GLY A 44 -5.79 -8.94 13.34
C GLY A 44 -4.73 -8.25 12.50
N ALA A 45 -4.94 -6.99 12.14
CA ALA A 45 -3.97 -6.14 11.41
C ALA A 45 -2.73 -5.91 12.29
N ARG A 46 -1.54 -6.21 11.79
CA ARG A 46 -0.26 -5.95 12.49
C ARG A 46 0.14 -4.49 12.28
N TRP A 47 -0.41 -3.84 11.25
CA TRP A 47 -0.10 -2.42 10.90
C TRP A 47 -1.23 -1.80 10.08
N PHE A 48 -1.24 -0.47 9.99
CA PHE A 48 -2.22 0.28 9.17
C PHE A 48 -1.61 1.61 8.73
N TYR A 49 -2.22 2.24 7.71
CA TYR A 49 -1.88 3.61 7.22
C TYR A 49 -3.16 4.30 6.77
N THR A 50 -3.12 5.64 6.68
CA THR A 50 -4.30 6.53 6.48
C THR A 50 -4.14 7.44 5.26
N TRP A 51 -3.04 7.29 4.49
CA TRP A 51 -2.60 8.17 3.38
C TRP A 51 -2.20 9.56 3.92
N ALA A 52 -2.04 9.73 5.24
CA ALA A 52 -1.67 11.00 5.91
C ALA A 52 -0.50 10.78 6.89
N ALA A 53 0.02 11.86 7.47
CA ALA A 53 1.24 11.87 8.31
C ALA A 53 0.94 11.40 9.75
N ASP A 54 -0.33 11.27 10.13
CA ASP A 54 -0.80 10.82 11.47
C ASP A 54 -2.07 9.98 11.31
N PRO A 55 -2.57 9.29 12.37
CA PRO A 55 -3.73 8.41 12.28
C PRO A 55 -5.12 9.02 11.97
N GLN A 56 -5.22 10.35 11.85
CA GLN A 56 -6.45 11.05 11.39
C GLN A 56 -7.66 10.63 12.25
N GLY A 57 -7.50 10.60 13.58
CA GLY A 57 -8.61 10.36 14.52
C GLY A 57 -8.83 8.88 14.86
N ILE A 58 -8.03 7.98 14.29
CA ILE A 58 -8.09 6.52 14.61
C ILE A 58 -7.27 6.25 15.87
N THR A 59 -7.85 5.57 16.87
CA THR A 59 -7.13 5.00 18.03
C THR A 59 -6.77 3.54 17.70
N ALA A 60 -5.48 3.23 17.56
CA ALA A 60 -4.99 1.89 17.15
C ALA A 60 -5.17 0.90 18.31
N PRO A 61 -5.58 -0.35 18.05
CA PRO A 61 -5.51 -1.40 19.07
C PRO A 61 -4.06 -1.67 19.46
N ALA A 62 -3.83 -2.31 20.60
CA ALA A 62 -2.49 -2.81 21.02
C ALA A 62 -1.97 -3.77 19.94
N GLY A 63 -0.69 -3.66 19.59
CA GLY A 63 0.01 -4.54 18.63
C GLY A 63 -0.25 -4.17 17.18
N THR A 64 -0.91 -3.03 16.91
CA THR A 64 -1.19 -2.55 15.53
C THR A 64 -0.39 -1.26 15.29
N GLU A 65 0.62 -1.36 14.42
CA GLU A 65 1.59 -0.26 14.14
C GLU A 65 1.03 0.68 13.07
N PHE A 66 0.93 1.98 13.38
CA PHE A 66 0.68 3.06 12.40
C PHE A 66 1.95 3.33 11.57
N VAL A 67 1.80 3.47 10.25
CA VAL A 67 2.88 3.85 9.30
C VAL A 67 2.48 5.17 8.65
N PRO A 68 3.16 6.31 8.91
CA PRO A 68 2.85 7.59 8.26
C PRO A 68 3.17 7.64 6.76
N MET A 69 2.43 8.49 6.02
CA MET A 69 2.62 8.75 4.57
C MET A 69 2.84 10.24 4.31
N ILE A 70 3.81 10.56 3.44
CA ILE A 70 3.98 11.90 2.81
C ILE A 70 3.38 11.82 1.39
N TRP A 71 2.17 12.37 1.20
CA TRP A 71 1.22 11.99 0.12
C TRP A 71 1.65 12.61 -1.22
N GLY A 72 2.00 13.90 -1.21
CA GLY A 72 2.22 14.71 -2.43
C GLY A 72 3.21 15.84 -2.22
N ARG A 73 3.40 16.66 -3.26
CA ARG A 73 4.34 17.81 -3.31
C ARG A 73 4.15 18.70 -2.07
N ASP A 74 2.91 19.09 -1.78
CA ASP A 74 2.57 20.09 -0.73
C ASP A 74 2.54 19.44 0.66
N SER A 75 2.73 18.12 0.74
CA SER A 75 2.82 17.35 2.02
C SER A 75 4.20 17.52 2.65
N VAL A 76 5.20 17.99 1.88
CA VAL A 76 6.62 18.07 2.33
C VAL A 76 6.84 19.42 3.02
N THR A 77 6.64 19.46 4.33
CA THR A 77 6.96 20.62 5.21
C THR A 77 7.68 20.08 6.45
N ALA A 78 8.51 20.91 7.08
CA ALA A 78 9.26 20.58 8.31
C ALA A 78 8.29 20.07 9.38
N ASP A 79 7.09 20.66 9.46
CA ASP A 79 6.04 20.32 10.44
C ASP A 79 5.47 18.91 10.19
N GLN A 80 5.08 18.60 8.95
CA GLN A 80 4.53 17.27 8.54
C GLN A 80 5.57 16.18 8.83
N LEU A 81 6.83 16.44 8.49
CA LEU A 81 7.95 15.47 8.65
C LEU A 81 8.18 15.21 10.14
N GLN A 82 8.12 16.27 10.96
CA GLN A 82 8.20 16.20 12.45
C GLN A 82 7.06 15.32 12.98
N ARG A 83 5.83 15.55 12.51
CA ARG A 83 4.60 14.82 12.95
C ARG A 83 4.72 13.34 12.57
N ALA A 84 5.19 13.03 11.36
CA ALA A 84 5.39 11.65 10.86
C ALA A 84 6.34 10.90 11.80
N LYS A 85 7.48 11.51 12.13
CA LYS A 85 8.55 10.86 12.96
C LYS A 85 8.05 10.64 14.40
N ALA A 86 7.14 11.50 14.89
CA ALA A 86 6.52 11.35 16.23
C ALA A 86 5.47 10.23 16.21
N ALA A 87 4.81 9.97 15.07
CA ALA A 87 3.66 9.05 14.95
C ALA A 87 4.13 7.62 14.62
N GLY A 88 5.33 7.43 14.04
CA GLY A 88 5.84 6.08 13.70
C GLY A 88 7.34 6.06 13.43
N SER A 89 7.87 4.92 12.99
CA SER A 89 9.31 4.69 12.71
C SER A 89 9.58 4.40 11.22
N THR A 90 8.57 4.02 10.42
CA THR A 90 8.71 3.81 8.95
C THR A 90 7.92 4.88 8.19
N LEU A 91 8.44 5.36 7.05
CA LEU A 91 7.85 6.46 6.23
C LEU A 91 7.56 5.98 4.80
N LEU A 92 6.32 6.16 4.35
CA LEU A 92 5.87 5.96 2.94
C LEU A 92 5.91 7.32 2.22
N ALA A 93 6.48 7.35 1.02
CA ALA A 93 6.55 8.55 0.15
C ALA A 93 5.30 8.62 -0.75
N PHE A 94 5.38 9.40 -1.83
CA PHE A 94 4.22 9.97 -2.57
C PHE A 94 3.31 8.87 -3.12
N ASN A 95 1.99 9.14 -3.12
CA ASN A 95 0.92 8.20 -3.54
C ASN A 95 0.61 8.38 -5.04
N ALA A 96 0.95 7.38 -5.86
CA ALA A 96 0.59 7.29 -7.29
C ALA A 96 0.96 8.60 -7.99
N PRO A 97 2.25 9.01 -7.95
CA PRO A 97 2.69 10.24 -8.60
C PRO A 97 2.51 10.19 -10.12
N ASP A 98 2.35 8.97 -10.66
CA ASP A 98 2.17 8.69 -12.11
C ASP A 98 0.70 8.84 -12.54
N LEU A 99 -0.22 9.17 -11.62
CA LEU A 99 -1.65 9.41 -11.96
C LEU A 99 -2.00 10.90 -11.81
N ALA A 100 -2.73 11.44 -12.80
CA ALA A 100 -3.19 12.84 -12.86
C ALA A 100 -4.12 13.14 -11.67
N GLY A 101 -4.87 12.14 -11.21
CA GLY A 101 -5.86 12.24 -10.12
C GLY A 101 -5.28 11.95 -8.73
N GLN A 102 -4.00 11.57 -8.63
CA GLN A 102 -3.33 11.35 -7.31
C GLN A 102 -2.23 12.41 -7.14
N ALA A 103 -1.01 12.02 -6.76
CA ALA A 103 0.07 13.00 -6.42
C ALA A 103 0.45 13.81 -7.68
N ASN A 104 0.34 13.22 -8.87
CA ASN A 104 0.50 13.94 -10.17
C ASN A 104 1.84 14.70 -10.17
N MET A 105 2.96 13.98 -10.10
CA MET A 105 4.31 14.56 -9.87
C MET A 105 5.30 13.99 -10.90
N SER A 106 6.20 14.83 -11.43
CA SER A 106 7.37 14.40 -12.25
C SER A 106 8.40 13.68 -11.35
N VAL A 107 9.22 12.83 -11.95
CA VAL A 107 10.36 12.14 -11.29
C VAL A 107 11.34 13.19 -10.74
N GLU A 108 11.58 14.28 -11.48
CA GLU A 108 12.55 15.35 -11.08
C GLU A 108 12.07 16.06 -9.80
N THR A 109 10.78 16.44 -9.75
CA THR A 109 10.13 17.07 -8.56
C THR A 109 10.29 16.13 -7.35
N ALA A 110 10.01 14.83 -7.53
CA ALA A 110 10.10 13.80 -6.46
C ALA A 110 11.55 13.69 -5.98
N LEU A 111 12.52 13.63 -6.90
CA LEU A 111 13.97 13.52 -6.54
C LEU A 111 14.42 14.79 -5.80
N ASP A 112 13.98 15.97 -6.22
CA ASP A 112 14.43 17.25 -5.62
C ASP A 112 13.90 17.40 -4.19
N LEU A 113 12.75 16.80 -3.87
CA LEU A 113 12.14 16.87 -2.50
C LEU A 113 12.77 15.79 -1.61
N TRP A 114 13.33 14.74 -2.21
CA TRP A 114 13.74 13.49 -1.52
C TRP A 114 14.62 13.77 -0.30
N PRO A 115 15.65 14.65 -0.37
CA PRO A 115 16.54 14.89 0.76
C PRO A 115 15.82 15.25 2.07
N GLN A 116 14.68 15.96 2.01
CA GLN A 116 13.87 16.34 3.19
C GLN A 116 13.28 15.09 3.85
N LEU A 117 12.80 14.11 3.08
CA LEU A 117 12.25 12.83 3.62
C LEU A 117 13.41 12.00 4.20
N GLN A 118 14.56 11.99 3.52
CA GLN A 118 15.74 11.16 3.86
C GLN A 118 16.32 11.65 5.20
N ALA A 119 16.24 12.95 5.46
CA ALA A 119 16.86 13.65 6.61
C ALA A 119 16.12 13.35 7.93
N THR A 120 14.97 12.67 7.88
CA THR A 120 14.22 12.20 9.08
C THR A 120 14.95 11.00 9.71
N GLY A 121 15.73 10.28 8.91
CA GLY A 121 16.49 9.08 9.37
C GLY A 121 15.63 7.84 9.49
N MET A 122 14.34 7.92 9.12
CA MET A 122 13.34 6.81 9.21
C MET A 122 13.58 5.84 8.05
N ARG A 123 13.29 4.55 8.25
CA ARG A 123 13.23 3.56 7.14
C ARG A 123 12.23 4.11 6.12
N LEU A 124 12.63 4.20 4.84
CA LEU A 124 11.98 5.08 3.83
C LEU A 124 11.56 4.27 2.59
N GLY A 125 10.27 4.36 2.23
CA GLY A 125 9.69 3.69 1.06
C GLY A 125 9.61 4.60 -0.15
N ALA A 126 9.90 4.05 -1.33
CA ALA A 126 9.78 4.75 -2.64
C ALA A 126 8.36 5.28 -2.81
N PRO A 127 8.13 6.30 -3.67
CA PRO A 127 6.78 6.63 -4.10
C PRO A 127 6.13 5.35 -4.60
N ALA A 128 4.82 5.17 -4.37
CA ALA A 128 4.06 3.98 -4.81
C ALA A 128 3.40 4.26 -6.18
N VAL A 129 3.93 3.68 -7.26
CA VAL A 129 3.39 3.88 -8.63
C VAL A 129 2.11 3.04 -8.79
N ALA A 130 1.13 3.57 -9.53
CA ALA A 130 -0.13 2.87 -9.92
C ALA A 130 0.20 1.62 -10.75
N TYR A 131 1.13 1.71 -11.70
CA TYR A 131 1.48 0.61 -12.62
C TYR A 131 2.85 0.84 -13.28
N GLY A 132 3.33 -0.18 -13.99
CA GLY A 132 4.54 -0.11 -14.84
C GLY A 132 5.83 -0.09 -14.05
N GLY A 133 5.84 -0.66 -12.84
CA GLY A 133 7.00 -0.65 -11.94
C GLY A 133 8.21 -1.31 -12.56
N ASP A 134 8.00 -2.36 -13.35
CA ASP A 134 9.06 -3.18 -13.98
C ASP A 134 9.40 -2.65 -15.39
N THR A 135 8.71 -1.62 -15.89
CA THR A 135 8.87 -1.10 -17.29
C THR A 135 10.14 -0.25 -17.39
N PRO A 136 11.10 -0.62 -18.26
CA PRO A 136 12.23 0.26 -18.55
C PRO A 136 11.78 1.63 -19.09
N GLY A 137 12.28 2.72 -18.51
CA GLY A 137 11.95 4.10 -18.89
C GLY A 137 10.69 4.62 -18.23
N GLY A 138 9.98 3.78 -17.47
CA GLY A 138 8.76 4.16 -16.73
C GLY A 138 9.08 5.04 -15.53
N TRP A 139 8.05 5.50 -14.82
CA TRP A 139 8.17 6.41 -13.65
C TRP A 139 9.13 5.83 -12.59
N LEU A 140 8.84 4.65 -12.04
CA LEU A 140 9.67 4.01 -10.97
C LEU A 140 11.10 3.80 -11.47
N ASP A 141 11.29 3.31 -12.70
CA ASP A 141 12.64 3.01 -13.26
C ASP A 141 13.47 4.29 -13.28
N ARG A 142 12.89 5.42 -13.71
CA ARG A 142 13.61 6.71 -13.83
C ARG A 142 13.89 7.27 -12.42
N PHE A 143 12.98 7.04 -11.45
CA PHE A 143 13.15 7.50 -10.04
C PHE A 143 14.31 6.73 -9.39
N MET A 144 14.31 5.40 -9.47
CA MET A 144 15.33 4.55 -8.80
C MET A 144 16.71 4.81 -9.42
N SER A 145 16.80 4.95 -10.74
CA SER A 145 18.09 5.21 -11.46
C SER A 145 18.59 6.61 -11.11
N GLY A 146 17.70 7.61 -11.06
CA GLY A 146 18.03 8.98 -10.59
C GLY A 146 18.52 9.00 -9.15
N ALA A 147 17.85 8.30 -8.25
CA ALA A 147 18.21 8.21 -6.81
C ALA A 147 19.61 7.62 -6.67
N ALA A 148 19.91 6.54 -7.40
CA ALA A 148 21.22 5.85 -7.36
C ALA A 148 22.31 6.84 -7.80
N ALA A 149 22.10 7.57 -8.91
CA ALA A 149 23.04 8.58 -9.45
C ALA A 149 23.32 9.69 -8.42
N ARG A 150 22.35 10.08 -7.59
CA ARG A 150 22.50 11.19 -6.62
C ARG A 150 23.03 10.66 -5.27
N GLY A 151 23.18 9.34 -5.11
CA GLY A 151 23.62 8.69 -3.86
C GLY A 151 22.56 8.71 -2.77
N TYR A 152 21.27 8.75 -3.14
CA TYR A 152 20.12 8.73 -2.20
C TYR A 152 19.89 7.31 -1.65
N ARG A 153 19.20 7.24 -0.51
CA ARG A 153 18.76 5.98 0.15
C ARG A 153 17.28 5.74 -0.16
N VAL A 154 16.95 4.55 -0.66
CA VAL A 154 15.57 4.04 -0.83
C VAL A 154 15.51 2.64 -0.22
N ASP A 155 14.83 2.47 0.91
CA ASP A 155 14.97 1.25 1.74
C ASP A 155 14.09 0.13 1.16
N PHE A 156 12.91 0.46 0.64
CA PHE A 156 11.93 -0.53 0.13
C PHE A 156 11.02 0.12 -0.91
N ILE A 157 10.37 -0.73 -1.71
CA ILE A 157 9.47 -0.30 -2.82
C ILE A 157 8.05 -0.77 -2.51
N PRO A 158 7.14 0.16 -2.16
CA PRO A 158 5.71 -0.12 -2.12
C PRO A 158 5.06 -0.06 -3.51
N LEU A 159 4.08 -0.95 -3.75
CA LEU A 159 3.39 -1.16 -5.05
C LEU A 159 1.86 -1.16 -4.85
N HIS A 160 1.14 -0.78 -5.90
CA HIS A 160 -0.32 -0.96 -6.08
C HIS A 160 -0.54 -2.03 -7.17
N TRP A 161 -1.56 -2.88 -7.01
CA TRP A 161 -1.98 -3.90 -8.02
C TRP A 161 -3.49 -4.13 -7.92
N TYR A 162 -4.18 -4.02 -9.05
CA TYR A 162 -5.65 -4.24 -9.19
C TYR A 162 -5.89 -5.18 -10.37
N GLY A 163 -6.34 -6.41 -10.09
CA GLY A 163 -6.56 -7.47 -11.09
C GLY A 163 -7.91 -7.33 -11.80
N GLY A 164 -7.91 -7.41 -13.13
CA GLY A 164 -9.11 -7.39 -13.98
C GLY A 164 -9.55 -8.77 -14.43
N ASP A 165 -8.75 -9.81 -14.16
CA ASP A 165 -9.08 -11.24 -14.37
C ASP A 165 -9.53 -11.81 -13.03
N PHE A 166 -10.81 -12.19 -12.91
CA PHE A 166 -11.44 -12.55 -11.61
C PHE A 166 -11.36 -14.06 -11.33
N SER A 167 -10.63 -14.82 -12.15
CA SER A 167 -10.45 -16.30 -12.01
C SER A 167 -9.35 -16.63 -10.98
N ALA A 168 -9.14 -17.94 -10.75
CA ALA A 168 -8.11 -18.53 -9.86
C ALA A 168 -6.69 -18.13 -10.32
N ALA A 169 -6.54 -17.77 -11.60
CA ALA A 169 -5.28 -17.33 -12.23
C ALA A 169 -4.77 -16.00 -11.64
N ALA A 170 -5.62 -15.23 -10.95
CA ALA A 170 -5.31 -13.84 -10.51
C ALA A 170 -4.06 -13.82 -9.60
N THR A 171 -3.98 -14.72 -8.61
CA THR A 171 -2.89 -14.76 -7.61
C THR A 171 -1.54 -14.92 -8.32
N GLY A 172 -1.46 -15.80 -9.34
CA GLY A 172 -0.26 -15.98 -10.19
C GLY A 172 0.14 -14.70 -10.91
N GLN A 173 -0.83 -13.93 -11.43
CA GLN A 173 -0.58 -12.66 -12.15
C GLN A 173 0.03 -11.63 -11.18
N LEU A 174 -0.50 -11.52 -9.95
CA LEU A 174 0.05 -10.61 -8.91
C LEU A 174 1.49 -11.03 -8.58
N GLN A 175 1.72 -12.33 -8.38
CA GLN A 175 3.07 -12.87 -8.04
C GLN A 175 4.08 -12.45 -9.11
N SER A 176 3.73 -12.57 -10.40
CA SER A 176 4.61 -12.23 -11.55
C SER A 176 5.03 -10.76 -11.51
N TYR A 177 4.11 -9.85 -11.18
CA TYR A 177 4.40 -8.40 -11.09
C TYR A 177 5.40 -8.14 -9.96
N LEU A 178 5.17 -8.70 -8.76
CA LEU A 178 6.04 -8.48 -7.57
C LEU A 178 7.45 -9.01 -7.87
N GLN A 179 7.54 -10.24 -8.39
CA GLN A 179 8.82 -10.91 -8.74
C GLN A 179 9.61 -10.03 -9.72
N ALA A 180 8.92 -9.42 -10.70
CA ALA A 180 9.54 -8.62 -11.76
C ALA A 180 10.13 -7.34 -11.17
N VAL A 181 9.40 -6.67 -10.26
CA VAL A 181 9.91 -5.42 -9.61
C VAL A 181 11.09 -5.80 -8.70
N TYR A 182 11.03 -6.93 -7.99
CA TYR A 182 12.15 -7.41 -7.14
C TYR A 182 13.37 -7.72 -8.01
N ASN A 183 13.19 -8.40 -9.14
CA ASN A 183 14.28 -8.76 -10.08
C ASN A 183 14.96 -7.48 -10.60
N ARG A 184 14.21 -6.41 -10.83
CA ARG A 184 14.77 -5.18 -11.42
C ARG A 184 15.59 -4.40 -10.38
N TYR A 185 15.09 -4.17 -9.16
CA TYR A 185 15.69 -3.19 -8.21
C TYR A 185 16.30 -3.87 -6.98
N HIS A 186 15.95 -5.13 -6.69
CA HIS A 186 16.40 -5.90 -5.49
C HIS A 186 16.27 -5.08 -4.21
N ARG A 187 15.13 -4.42 -4.04
CA ARG A 187 14.68 -3.86 -2.73
C ARG A 187 13.55 -4.74 -2.21
N PRO A 188 13.38 -4.90 -0.87
CA PRO A 188 12.21 -5.59 -0.34
C PRO A 188 10.93 -4.86 -0.79
N ILE A 189 9.83 -5.60 -0.91
CA ILE A 189 8.55 -5.15 -1.53
C ILE A 189 7.47 -5.01 -0.45
N TRP A 190 6.76 -3.88 -0.42
CA TRP A 190 5.43 -3.75 0.25
C TRP A 190 4.32 -3.70 -0.82
N LEU A 191 3.16 -4.29 -0.54
CA LEU A 191 1.97 -4.14 -1.41
C LEU A 191 0.93 -3.32 -0.64
N THR A 192 0.93 -1.99 -0.81
CA THR A 192 0.19 -1.03 0.07
C THR A 192 -1.26 -0.80 -0.41
N GLU A 193 -1.60 -1.19 -1.64
CA GLU A 193 -3.01 -1.28 -2.12
C GLU A 193 -3.12 -2.51 -3.03
N TYR A 194 -4.05 -3.43 -2.75
CA TYR A 194 -4.41 -4.48 -3.75
C TYR A 194 -5.85 -4.98 -3.54
N ALA A 195 -6.48 -5.36 -4.66
CA ALA A 195 -7.83 -5.97 -4.76
C ALA A 195 -8.04 -6.51 -6.18
N LEU A 196 -9.18 -7.14 -6.44
CA LEU A 196 -9.69 -7.34 -7.82
C LEU A 196 -10.58 -6.14 -8.16
N THR A 197 -10.18 -5.38 -9.18
CA THR A 197 -10.95 -4.27 -9.79
C THR A 197 -10.43 -4.04 -11.21
N ASP A 198 -11.35 -4.03 -12.18
CA ASP A 198 -11.09 -3.69 -13.59
C ASP A 198 -11.47 -2.22 -13.78
N PHE A 199 -10.47 -1.37 -14.05
CA PHE A 199 -10.63 0.09 -14.26
C PHE A 199 -10.59 0.44 -15.75
N SER A 200 -10.45 -0.56 -16.62
CA SER A 200 -10.19 -0.39 -18.08
C SER A 200 -11.40 0.28 -18.75
N GLY A 201 -12.62 -0.15 -18.39
CA GLY A 201 -13.89 0.40 -18.90
C GLY A 201 -14.13 1.82 -18.40
N SER A 202 -15.28 2.39 -18.76
CA SER A 202 -15.65 3.81 -18.44
C SER A 202 -16.13 3.93 -16.99
N THR A 203 -16.42 2.79 -16.35
CA THR A 203 -16.82 2.69 -14.92
C THR A 203 -16.14 1.46 -14.31
N PRO A 204 -15.78 1.46 -13.01
CA PRO A 204 -15.10 0.32 -12.41
C PRO A 204 -15.98 -0.95 -12.36
N ARG A 205 -15.38 -2.10 -12.63
CA ARG A 205 -16.03 -3.44 -12.60
C ARG A 205 -15.42 -4.23 -11.42
N TYR A 206 -16.28 -4.92 -10.65
CA TYR A 206 -15.90 -5.67 -9.40
C TYR A 206 -16.29 -7.13 -9.52
N PRO A 207 -15.58 -8.04 -8.81
CA PRO A 207 -15.92 -9.46 -8.78
C PRO A 207 -17.15 -9.74 -7.90
N SER A 208 -17.71 -10.94 -7.99
CA SER A 208 -18.77 -11.42 -7.06
C SER A 208 -18.15 -11.58 -5.66
N ALA A 209 -18.98 -11.69 -4.62
CA ALA A 209 -18.54 -11.85 -3.21
C ALA A 209 -17.68 -13.12 -3.07
N ALA A 210 -18.12 -14.22 -3.69
CA ALA A 210 -17.43 -15.54 -3.61
C ALA A 210 -16.09 -15.45 -4.36
N GLU A 211 -16.04 -14.78 -5.51
CA GLU A 211 -14.79 -14.56 -6.30
C GLU A 211 -13.78 -13.78 -5.46
N GLN A 212 -14.22 -12.71 -4.79
CA GLN A 212 -13.34 -11.84 -3.96
C GLN A 212 -12.81 -12.61 -2.75
N ALA A 213 -13.68 -13.35 -2.05
CA ALA A 213 -13.33 -14.14 -0.84
C ALA A 213 -12.27 -15.19 -1.20
N ASP A 214 -12.44 -15.90 -2.32
CA ASP A 214 -11.50 -16.93 -2.80
C ASP A 214 -10.14 -16.28 -3.07
N PHE A 215 -10.14 -15.09 -3.68
CA PHE A 215 -8.91 -14.35 -4.04
C PHE A 215 -8.19 -13.91 -2.77
N VAL A 216 -8.92 -13.50 -1.72
CA VAL A 216 -8.31 -13.09 -0.43
C VAL A 216 -7.53 -14.27 0.13
N SER A 217 -8.13 -15.46 0.18
CA SER A 217 -7.51 -16.67 0.76
C SER A 217 -6.23 -17.04 -0.01
N ARG A 218 -6.32 -17.12 -1.35
CA ARG A 218 -5.22 -17.60 -2.22
C ARG A 218 -4.09 -16.57 -2.20
N SER A 219 -4.43 -15.28 -2.32
CA SER A 219 -3.42 -14.18 -2.42
C SER A 219 -2.66 -14.06 -1.09
N THR A 220 -3.33 -14.14 0.08
CA THR A 220 -2.68 -14.01 1.41
C THR A 220 -1.71 -15.19 1.65
N ALA A 221 -2.10 -16.41 1.29
CA ALA A 221 -1.23 -17.60 1.43
C ALA A 221 0.06 -17.39 0.61
N MET A 222 -0.07 -16.93 -0.64
CA MET A 222 1.10 -16.68 -1.55
C MET A 222 2.00 -15.59 -0.94
N LEU A 223 1.41 -14.46 -0.50
CA LEU A 223 2.16 -13.29 0.02
C LEU A 223 2.90 -13.65 1.31
N ASN A 224 2.25 -14.40 2.22
CA ASN A 224 2.87 -14.87 3.48
C ASN A 224 4.13 -15.69 3.17
N GLY A 225 4.15 -16.44 2.06
CA GLY A 225 5.21 -17.39 1.68
C GLY A 225 6.34 -16.78 0.83
N LEU A 226 6.17 -15.54 0.34
CA LEU A 226 7.12 -14.90 -0.61
C LEU A 226 8.14 -14.08 0.19
N SER A 227 9.39 -14.57 0.28
CA SER A 227 10.44 -14.09 1.20
C SER A 227 10.69 -12.58 1.06
N PHE A 228 10.64 -12.01 -0.16
CA PHE A 228 11.03 -10.59 -0.42
C PHE A 228 9.83 -9.65 -0.25
N VAL A 229 8.63 -10.15 0.06
CA VAL A 229 7.47 -9.30 0.45
C VAL A 229 7.46 -9.13 1.97
N GLU A 230 7.70 -7.92 2.47
CA GLU A 230 7.78 -7.58 3.91
C GLU A 230 6.36 -7.41 4.47
N ARG A 231 5.47 -6.73 3.73
CA ARG A 231 4.13 -6.30 4.21
C ARG A 231 3.16 -6.15 3.03
N TYR A 232 1.85 -6.27 3.32
CA TYR A 232 0.75 -6.08 2.33
C TYR A 232 -0.48 -5.48 3.03
N ALA A 233 -1.31 -4.78 2.26
CA ALA A 233 -2.53 -4.08 2.73
C ALA A 233 -3.62 -4.16 1.66
N TRP A 234 -4.62 -5.03 1.86
CA TRP A 234 -5.86 -5.08 1.08
C TRP A 234 -6.46 -3.67 1.03
N PHE A 235 -6.94 -3.23 -0.15
CA PHE A 235 -7.72 -1.98 -0.33
C PHE A 235 -9.19 -2.36 -0.32
N SER A 236 -9.95 -2.09 0.76
CA SER A 236 -9.55 -1.41 1.99
C SER A 236 -10.34 -2.00 3.16
N LEU A 237 -10.15 -1.50 4.39
CA LEU A 237 -10.80 -2.07 5.60
C LEU A 237 -12.34 -2.00 5.49
N SER A 238 -12.90 -0.82 5.17
CA SER A 238 -14.35 -0.52 5.32
C SER A 238 -15.02 -0.34 3.94
N THR A 239 -16.28 -0.77 3.81
CA THR A 239 -17.11 -0.60 2.58
C THR A 239 -17.53 0.87 2.40
N SER A 240 -17.38 1.69 3.44
CA SER A 240 -17.63 3.16 3.34
C SER A 240 -16.50 3.84 2.56
N THR A 241 -15.36 3.16 2.35
CA THR A 241 -14.23 3.63 1.49
C THR A 241 -14.44 3.13 0.05
N THR A 242 -14.81 1.87 -0.12
CA THR A 242 -14.75 1.15 -1.42
C THR A 242 -15.66 -0.07 -1.40
N PRO A 243 -16.33 -0.42 -2.51
CA PRO A 243 -17.12 -1.64 -2.59
C PRO A 243 -16.30 -2.94 -2.35
N THR A 244 -14.97 -2.89 -2.42
CA THR A 244 -14.07 -4.05 -2.11
C THR A 244 -13.74 -4.10 -0.61
N GLY A 245 -14.48 -3.35 0.22
CA GLY A 245 -14.28 -3.28 1.69
C GLY A 245 -14.46 -4.63 2.37
N LEU A 246 -13.73 -4.85 3.48
CA LEU A 246 -13.69 -6.14 4.22
C LEU A 246 -14.76 -6.17 5.32
N TYR A 247 -15.12 -4.99 5.83
CA TYR A 247 -16.00 -4.77 7.01
C TYR A 247 -17.02 -3.68 6.69
N THR A 248 -18.27 -3.87 7.12
CA THR A 248 -19.30 -2.81 7.24
C THR A 248 -19.55 -2.60 8.74
N GLY A 249 -19.21 -1.42 9.25
CA GLY A 249 -19.16 -1.17 10.71
C GLY A 249 -18.15 -2.09 11.36
N THR A 250 -18.56 -2.90 12.33
CA THR A 250 -17.68 -3.91 13.01
C THR A 250 -17.95 -5.30 12.45
N THR A 251 -18.74 -5.46 11.39
CA THR A 251 -19.18 -6.79 10.86
C THR A 251 -18.39 -7.16 9.62
N PRO A 252 -17.54 -8.20 9.67
CA PRO A 252 -16.84 -8.67 8.47
C PRO A 252 -17.81 -9.35 7.50
N ASN A 253 -17.61 -9.13 6.19
CA ASN A 253 -18.27 -9.94 5.11
C ASN A 253 -17.39 -11.16 4.87
N SER A 254 -17.72 -12.00 3.88
CA SER A 254 -16.98 -13.26 3.59
C SER A 254 -15.50 -12.97 3.32
N SER A 255 -15.15 -11.79 2.77
CA SER A 255 -13.75 -11.38 2.48
C SER A 255 -13.02 -11.00 3.77
N GLY A 256 -13.65 -10.21 4.64
CA GLY A 256 -13.14 -9.91 6.01
C GLY A 256 -12.87 -11.18 6.79
N VAL A 257 -13.75 -12.18 6.69
CA VAL A 257 -13.60 -13.51 7.37
C VAL A 257 -12.33 -14.20 6.84
N ALA A 258 -12.11 -14.20 5.54
CA ALA A 258 -10.92 -14.79 4.88
C ALA A 258 -9.63 -14.07 5.31
N TYR A 259 -9.65 -12.73 5.40
CA TYR A 259 -8.48 -11.89 5.76
C TYR A 259 -8.12 -12.14 7.23
N ARG A 260 -9.12 -12.18 8.11
CA ARG A 260 -8.97 -12.50 9.56
C ARG A 260 -8.27 -13.86 9.71
N ALA A 261 -8.64 -14.86 8.90
CA ALA A 261 -8.11 -16.25 8.95
C ALA A 261 -6.64 -16.31 8.51
N ALA A 262 -6.20 -15.41 7.62
CA ALA A 262 -4.82 -15.39 7.07
C ALA A 262 -3.79 -15.25 8.20
N GLY A 263 -2.65 -15.93 8.07
CA GLY A 263 -1.52 -15.86 9.02
C GLY A 263 -0.72 -14.59 8.84
C2 BGC B . -4.35 0.77 -12.45
C3 BGC B . -5.14 1.93 -11.82
C4 BGC B . -5.18 3.16 -12.73
C5 BGC B . -5.31 2.83 -14.23
C6 BGC B . -4.94 4.06 -15.08
C1 BGC B . -4.67 0.52 -13.93
O1 BGC B . -3.81 -0.50 -14.47
O2 BGC B . -4.61 -0.42 -11.68
O3 BGC B . -4.49 2.26 -10.56
O4 BGC B . -6.25 4.02 -12.31
O5 BGC B . -4.47 1.73 -14.66
O6 BGC B . -5.81 4.14 -16.21
C2 BGC B . -4.44 3.29 -8.36
C3 BGC B . -5.32 3.58 -7.14
C4 BGC B . -6.38 4.59 -7.54
C5 BGC B . -7.19 4.15 -8.78
C6 BGC B . -7.94 5.33 -9.43
C1 BGC B . -5.33 2.65 -9.45
O2 BGC B . -3.29 2.52 -7.98
O3 BGC B . -4.55 4.13 -6.08
O4 BGC B . -7.21 4.82 -6.39
O5 BGC B . -6.38 3.54 -9.82
O6 BGC B . -7.46 6.62 -8.94
C2 BGC C . -6.59 8.81 -1.98
C3 BGC C . -6.84 9.19 -0.52
C4 BGC C . -8.17 8.57 -0.03
C5 BGC C . -8.27 7.09 -0.38
C6 BGC C . -9.59 6.46 0.07
C1 BGC C . -6.74 7.31 -2.20
O1 BGC C . -6.50 7.01 -3.58
O2 BGC C . -5.29 9.25 -2.39
O3 BGC C . -6.87 10.62 -0.45
O4 BGC C . -8.27 8.72 1.39
O5 BGC C . -8.05 6.91 -1.80
O6 BGC C . -10.72 7.18 -0.43
C2 BGC C . -5.88 12.70 0.24
C3 BGC C . -5.05 13.44 1.28
C4 BGC C . -5.53 13.13 2.70
C5 BGC C . -5.73 11.62 2.89
C6 BGC C . -6.38 11.32 4.23
C1 BGC C . -6.00 11.21 0.54
O2 BGC C . -5.28 12.92 -1.04
O3 BGC C . -5.13 14.85 1.06
O4 BGC C . -4.53 13.62 3.63
O5 BGC C . -6.51 11.03 1.85
O6 BGC C . -7.74 11.76 4.21
C2 BGC C . -4.61 16.40 -0.64
C3 BGC C . -3.54 17.23 -1.32
C4 BGC C . -2.70 17.94 -0.26
C5 BGC C . -2.13 16.93 0.73
C6 BGC C . -1.35 17.63 1.83
C1 BGC C . -4.01 15.45 0.39
O2 BGC C . -5.36 15.65 -1.62
O3 BGC C . -4.18 18.18 -2.20
O4 BGC C . -1.65 18.66 -0.90
O5 BGC C . -3.18 16.16 1.33
O6 BGC C . -0.85 16.66 2.76
ZN ZN D . 15.68 19.64 -10.35
C1 PEG E . -4.76 -7.37 -14.78
O1 PEG E . -6.00 -7.56 -15.44
C2 PEG E . -3.94 -8.63 -14.73
O2 PEG E . -2.75 -8.39 -13.98
C3 PEG E . -1.56 -8.80 -14.67
C4 PEG E . -0.38 -8.74 -13.74
O4 PEG E . 0.73 -9.49 -14.22
#